data_6T35
#
_entry.id   6T35
#
_cell.length_a   138.000
_cell.length_b   138.000
_cell.length_c   138.000
_cell.angle_alpha   90.000
_cell.angle_beta   90.000
_cell.angle_gamma   90.000
#
_symmetry.space_group_name_H-M   'P 43 3 2'
#
loop_
_entity.id
_entity.type
_entity.pdbx_description
1 polymer Beta-lactamase
2 non-polymer 'SULFATE ION'
3 non-polymer DI(HYDROXYETHYL)ETHER
4 non-polymer 'Enmetazobactam derived trans-enamine adduct'
5 non-polymer 'ZINC ION'
6 non-polymer 'CHLORIDE ION'
7 water water
#
_entity_poly.entity_id   1
_entity_poly.type   'polypeptide(L)'
_entity_poly.pdbx_seq_one_letter_code
;APQQINDIVHRTITPLIEQQKIPGMAVAVIYQGKPYYFTWGYADIAKKQPVTQQTLFELGSVSKTFTGVLGGDAIARGEI
KLSDPTTKYWPELTAKQWNGITLLHLATYTAGGLPLQVPDEVKSSSDLLRFYQNWQPAWAPGTQRLYANSSIGLFGALAV
KPSGLSFEQAMQTRVFQPLKLNHTWINVPPAEEKNYAWGYREGKAVHVSPGALDAEAYGVKSTIEDMARWVQSNLKPLDI
NEKTLQQGIQLAQSRYWQTGDMYQGLGWEMLDWPVNPDSIINGSDNKIALAARPVKAITPPTPAVRASWVHKTGATGGFG
SYVAFIPEKELGIVMLANKNYPNPARVDAAWQILNALQ
;
_entity_poly.pdbx_strand_id   A
#
loop_
_chem_comp.id
_chem_comp.type
_chem_comp.name
_chem_comp.formula
CL non-polymer 'CHLORIDE ION' 'Cl -1'
M9W non-polymer 'Enmetazobactam derived trans-enamine adduct' 'C11 H17 N4 O6 S 1'
PEG non-polymer DI(HYDROXYETHYL)ETHER 'C4 H10 O3'
SO4 non-polymer 'SULFATE ION' 'O4 S -2'
ZN non-polymer 'ZINC ION' 'Zn 2'
#
# COMPACT_ATOMS: atom_id res chain seq x y z
N ALA A 1 13.70 0.79 -24.32
CA ALA A 1 14.00 -0.25 -23.34
C ALA A 1 14.68 -1.45 -23.99
N PRO A 2 15.45 -2.21 -23.21
CA PRO A 2 16.01 -3.47 -23.72
C PRO A 2 14.93 -4.34 -24.33
N GLN A 3 15.29 -5.03 -25.42
CA GLN A 3 14.33 -5.88 -26.13
C GLN A 3 13.73 -6.93 -25.22
N GLN A 4 14.55 -7.48 -24.31
CA GLN A 4 14.06 -8.52 -23.40
C GLN A 4 12.91 -8.01 -22.54
N ILE A 5 12.97 -6.76 -22.11
CA ILE A 5 11.89 -6.17 -21.32
C ILE A 5 10.66 -5.94 -22.19
N ASN A 6 10.85 -5.31 -23.36
CA ASN A 6 9.73 -5.08 -24.26
C ASN A 6 8.99 -6.37 -24.56
N ASP A 7 9.74 -7.45 -24.83
N ASP A 7 9.73 -7.45 -24.81
CA ASP A 7 9.13 -8.71 -25.23
CA ASP A 7 9.11 -8.70 -25.22
C ASP A 7 8.31 -9.32 -24.10
C ASP A 7 8.30 -9.32 -24.09
N ILE A 8 8.87 -9.40 -22.88
CA ILE A 8 8.14 -10.05 -21.81
C ILE A 8 6.95 -9.20 -21.38
N VAL A 9 7.09 -7.88 -21.43
CA VAL A 9 5.97 -7.01 -21.07
C VAL A 9 4.81 -7.18 -22.05
N HIS A 10 5.10 -7.19 -23.35
CA HIS A 10 4.01 -7.37 -24.31
C HIS A 10 3.32 -8.72 -24.10
N ARG A 11 4.12 -9.79 -24.03
CA ARG A 11 3.57 -11.14 -23.96
C ARG A 11 2.88 -11.44 -22.65
N THR A 12 3.11 -10.65 -21.61
CA THR A 12 2.46 -10.83 -20.33
C THR A 12 1.29 -9.87 -20.14
N ILE A 13 1.50 -8.57 -20.37
CA ILE A 13 0.48 -7.58 -20.02
C ILE A 13 -0.60 -7.47 -21.09
N THR A 14 -0.23 -7.49 -22.37
CA THR A 14 -1.28 -7.36 -23.39
C THR A 14 -2.30 -8.48 -23.26
N PRO A 15 -1.90 -9.75 -23.07
CA PRO A 15 -2.91 -10.80 -22.84
C PRO A 15 -3.66 -10.65 -21.53
N LEU A 16 -3.01 -10.16 -20.47
CA LEU A 16 -3.73 -9.86 -19.24
C LEU A 16 -4.85 -8.86 -19.51
N ILE A 17 -4.55 -7.80 -20.27
CA ILE A 17 -5.58 -6.80 -20.59
C ILE A 17 -6.69 -7.44 -21.41
N GLU A 18 -6.34 -8.30 -22.36
CA GLU A 18 -7.34 -9.02 -23.15
C GLU A 18 -8.19 -9.92 -22.26
N GLN A 19 -7.54 -10.64 -21.33
CA GLN A 19 -8.24 -11.60 -20.48
C GLN A 19 -9.18 -10.90 -19.49
N GLN A 20 -8.77 -9.75 -18.96
CA GLN A 20 -9.47 -9.08 -17.87
C GLN A 20 -10.30 -7.87 -18.31
N LYS A 21 -10.25 -7.51 -19.58
N LYS A 21 -10.27 -7.51 -19.58
CA LYS A 21 -11.05 -6.42 -20.13
CA LYS A 21 -11.08 -6.40 -20.08
C LYS A 21 -10.72 -5.09 -19.45
C LYS A 21 -10.73 -5.09 -19.40
N ILE A 22 -9.43 -4.82 -19.25
CA ILE A 22 -8.94 -3.61 -18.60
C ILE A 22 -8.96 -2.43 -19.58
N PRO A 23 -9.66 -1.34 -19.27
CA PRO A 23 -9.73 -0.24 -20.27
C PRO A 23 -8.42 0.52 -20.44
N GLY A 24 -7.64 0.67 -19.38
CA GLY A 24 -6.43 1.45 -19.43
C GLY A 24 -5.45 0.95 -18.39
N MET A 25 -4.16 0.94 -18.71
CA MET A 25 -3.17 0.38 -17.80
C MET A 25 -1.86 1.11 -18.00
N ALA A 26 -1.14 1.31 -16.90
CA ALA A 26 0.24 1.78 -16.92
C ALA A 26 1.10 0.81 -16.13
N VAL A 27 2.27 0.48 -16.68
CA VAL A 27 3.23 -0.41 -16.03
C VAL A 27 4.60 0.24 -16.05
N ALA A 28 5.30 0.14 -14.92
CA ALA A 28 6.72 0.48 -14.84
C ALA A 28 7.49 -0.76 -14.45
N VAL A 29 8.50 -1.12 -15.24
CA VAL A 29 9.42 -2.19 -14.89
C VAL A 29 10.73 -1.53 -14.48
N ILE A 30 11.14 -1.76 -13.24
CA ILE A 30 12.42 -1.26 -12.76
C ILE A 30 13.43 -2.39 -12.91
N TYR A 31 14.42 -2.17 -13.77
CA TYR A 31 15.42 -3.17 -14.12
C TYR A 31 16.77 -2.53 -13.93
N GLN A 32 17.63 -3.18 -13.15
CA GLN A 32 18.92 -2.60 -12.74
C GLN A 32 18.75 -1.16 -12.26
N GLY A 33 17.66 -0.95 -11.50
CA GLY A 33 17.40 0.31 -10.84
C GLY A 33 16.74 1.37 -11.68
N LYS A 34 16.47 1.11 -12.96
CA LYS A 34 15.98 2.12 -13.88
C LYS A 34 14.58 1.78 -14.33
N PRO A 35 13.64 2.74 -14.31
CA PRO A 35 12.27 2.42 -14.75
C PRO A 35 12.10 2.53 -16.25
N TYR A 36 11.34 1.58 -16.79
CA TYR A 36 10.91 1.54 -18.19
C TYR A 36 9.40 1.54 -18.18
N TYR A 37 8.80 2.48 -18.92
CA TYR A 37 7.37 2.71 -18.84
C TYR A 37 6.61 2.16 -20.03
N PHE A 38 5.39 1.69 -19.75
CA PHE A 38 4.49 1.12 -20.74
C PHE A 38 3.07 1.58 -20.42
N THR A 39 2.31 1.93 -21.45
CA THR A 39 0.91 2.29 -21.29
C THR A 39 0.05 1.63 -22.36
N TRP A 40 -1.22 1.45 -22.00
CA TRP A 40 -2.23 0.87 -22.88
C TRP A 40 -3.57 1.56 -22.66
N GLY A 41 -4.34 1.74 -23.72
CA GLY A 41 -5.75 2.04 -23.54
C GLY A 41 -6.03 3.45 -23.09
N TYR A 42 -7.16 3.61 -22.39
CA TYR A 42 -7.74 4.92 -22.13
C TYR A 42 -7.97 5.19 -20.66
N ALA A 43 -7.64 6.41 -20.25
CA ALA A 43 -7.96 6.90 -18.92
C ALA A 43 -9.41 7.31 -18.82
N ASP A 44 -9.99 7.76 -19.94
CA ASP A 44 -11.38 8.15 -20.04
C ASP A 44 -11.88 7.57 -21.35
N ILE A 45 -12.70 6.52 -21.27
CA ILE A 45 -13.18 5.85 -22.48
C ILE A 45 -13.96 6.83 -23.36
N ALA A 46 -14.99 7.47 -22.80
CA ALA A 46 -15.89 8.26 -23.61
C ALA A 46 -15.17 9.42 -24.30
N LYS A 47 -14.24 10.07 -23.59
CA LYS A 47 -13.47 11.16 -24.16
C LYS A 47 -12.30 10.65 -25.01
N LYS A 48 -12.07 9.34 -25.05
CA LYS A 48 -10.95 8.76 -25.77
C LYS A 48 -9.62 9.40 -25.36
N GLN A 49 -9.49 9.69 -24.06
CA GLN A 49 -8.26 10.23 -23.51
C GLN A 49 -7.31 9.08 -23.19
N PRO A 50 -6.14 8.98 -23.82
CA PRO A 50 -5.27 7.82 -23.59
C PRO A 50 -4.62 7.87 -22.22
N VAL A 51 -4.25 6.68 -21.73
CA VAL A 51 -3.37 6.60 -20.59
C VAL A 51 -1.99 7.12 -20.99
N THR A 52 -1.42 8.00 -20.18
CA THR A 52 -0.08 8.51 -20.39
C THR A 52 0.73 8.32 -19.11
N GLN A 53 2.01 8.69 -19.16
CA GLN A 53 2.83 8.65 -17.95
C GLN A 53 2.43 9.69 -16.92
N GLN A 54 1.53 10.61 -17.28
CA GLN A 54 1.00 11.62 -16.37
C GLN A 54 -0.38 11.27 -15.83
N THR A 55 -0.97 10.17 -16.27
CA THR A 55 -2.30 9.78 -15.80
C THR A 55 -2.27 9.44 -14.31
N LEU A 56 -3.22 9.97 -13.56
CA LEU A 56 -3.40 9.64 -12.16
C LEU A 56 -4.32 8.43 -12.02
N PHE A 57 -3.90 7.45 -11.21
CA PHE A 57 -4.71 6.29 -10.87
C PHE A 57 -4.96 6.25 -9.36
N GLU A 58 -6.09 5.67 -8.96
CA GLU A 58 -6.36 5.41 -7.55
C GLU A 58 -5.54 4.19 -7.10
N LEU A 59 -4.69 4.40 -6.10
CA LEU A 59 -3.83 3.32 -5.62
C LEU A 59 -4.54 2.34 -4.70
N GLY A 60 -5.69 2.72 -4.15
CA GLY A 60 -6.31 1.87 -3.15
C GLY A 60 -5.35 1.59 -2.02
N SER A 61 -5.35 0.34 -1.56
CA SER A 61 -4.57 -0.02 -0.38
C SER A 61 -3.05 -0.02 -0.51
N VAL A 62 -2.54 0.20 -1.71
CA VAL A 62 -1.12 0.51 -1.88
C VAL A 62 -0.81 1.78 -1.08
N SER A 63 -1.85 2.57 -0.80
CA SER A 63 -1.69 3.74 0.06
C SER A 63 -1.08 3.38 1.41
N LYS A 64 -1.37 2.17 1.90
CA LYS A 64 -0.86 1.78 3.21
C LYS A 64 0.66 1.76 3.26
N THR A 65 1.34 1.60 2.11
CA THR A 65 2.80 1.63 2.13
C THR A 65 3.32 3.03 2.44
N PHE A 66 2.66 4.06 1.95
CA PHE A 66 3.01 5.42 2.34
C PHE A 66 2.77 5.65 3.83
N THR A 67 1.62 5.18 4.33
CA THR A 67 1.32 5.32 5.76
C THR A 67 2.36 4.60 6.61
N GLY A 68 2.78 3.40 6.20
CA GLY A 68 3.79 2.69 6.97
C GLY A 68 5.12 3.41 7.00
N VAL A 69 5.53 3.96 5.86
CA VAL A 69 6.81 4.68 5.82
C VAL A 69 6.71 5.99 6.60
N LEU A 70 5.57 6.67 6.53
CA LEU A 70 5.42 7.88 7.36
C LEU A 70 5.49 7.54 8.83
N GLY A 71 4.90 6.41 9.23
CA GLY A 71 5.02 5.96 10.62
C GLY A 71 6.45 5.62 10.98
N GLY A 72 7.17 4.96 10.07
CA GLY A 72 8.59 4.70 10.31
C GLY A 72 9.41 5.97 10.44
N ASP A 73 9.10 6.98 9.63
CA ASP A 73 9.78 8.28 9.74
C ASP A 73 9.52 8.93 11.10
N ALA A 74 8.32 8.76 11.64
CA ALA A 74 8.03 9.32 12.97
C ALA A 74 8.76 8.56 14.07
N ILE A 75 8.92 7.24 13.91
CA ILE A 75 9.74 6.47 14.84
C ILE A 75 11.18 6.97 14.81
N ALA A 76 11.71 7.18 13.61
CA ALA A 76 13.10 7.61 13.47
C ALA A 76 13.30 9.02 14.00
N ARG A 77 12.25 9.84 14.02
CA ARG A 77 12.32 11.16 14.64
C ARG A 77 12.18 11.10 16.15
N GLY A 78 11.92 9.92 16.72
CA GLY A 78 11.62 9.80 18.14
C GLY A 78 10.26 10.29 18.55
N GLU A 79 9.37 10.58 17.60
CA GLU A 79 8.07 11.14 17.94
C GLU A 79 7.12 10.08 18.49
N ILE A 80 7.26 8.83 18.05
CA ILE A 80 6.46 7.71 18.54
C ILE A 80 7.36 6.50 18.76
N LYS A 81 6.88 5.54 19.54
CA LYS A 81 7.48 4.22 19.66
C LYS A 81 6.39 3.18 19.41
N LEU A 82 6.73 2.10 18.71
CA LEU A 82 5.71 1.11 18.42
C LEU A 82 5.17 0.43 19.67
N SER A 83 5.95 0.40 20.74
CA SER A 83 5.47 -0.16 22.01
C SER A 83 4.52 0.77 22.75
N ASP A 84 4.35 2.01 22.31
CA ASP A 84 3.51 2.94 23.06
C ASP A 84 2.06 2.45 23.05
N PRO A 85 1.34 2.57 24.16
CA PRO A 85 -0.10 2.26 24.12
C PRO A 85 -0.86 3.26 23.28
N THR A 86 -1.92 2.77 22.64
CA THR A 86 -2.80 3.64 21.85
C THR A 86 -3.30 4.80 22.67
N THR A 87 -3.63 4.55 23.94
CA THR A 87 -4.25 5.57 24.79
C THR A 87 -3.30 6.73 25.09
N LYS A 88 -2.00 6.56 24.86
CA LYS A 88 -1.09 7.69 25.03
C LYS A 88 -1.44 8.81 24.07
N TYR A 89 -1.88 8.46 22.86
CA TYR A 89 -2.21 9.43 21.82
C TYR A 89 -3.69 9.76 21.74
N TRP A 90 -4.55 8.95 22.35
CA TRP A 90 -6.00 9.19 22.37
C TRP A 90 -6.50 8.85 23.76
N PRO A 91 -6.31 9.76 24.73
CA PRO A 91 -6.72 9.46 26.10
C PRO A 91 -8.20 9.17 26.26
N GLU A 92 -9.04 9.77 25.41
CA GLU A 92 -10.48 9.57 25.50
C GLU A 92 -10.89 8.14 25.21
N LEU A 93 -10.00 7.31 24.67
CA LEU A 93 -10.26 5.89 24.46
C LEU A 93 -10.11 5.18 25.80
N THR A 94 -11.11 5.37 26.65
CA THR A 94 -11.04 4.89 28.03
C THR A 94 -11.51 3.46 28.19
N ALA A 95 -12.18 2.88 27.19
CA ALA A 95 -12.69 1.52 27.31
C ALA A 95 -11.57 0.55 27.66
N LYS A 96 -11.90 -0.44 28.48
CA LYS A 96 -10.87 -1.29 29.07
C LYS A 96 -10.19 -2.20 28.04
N GLN A 97 -10.90 -2.55 26.97
CA GLN A 97 -10.33 -3.47 25.98
C GLN A 97 -9.10 -2.86 25.30
N TRP A 98 -8.95 -1.54 25.36
CA TRP A 98 -7.79 -0.88 24.75
C TRP A 98 -6.55 -0.94 25.63
N ASN A 99 -6.68 -1.42 26.87
CA ASN A 99 -5.52 -1.62 27.73
C ASN A 99 -4.66 -2.74 27.14
N GLY A 100 -3.46 -2.39 26.68
CA GLY A 100 -2.56 -3.36 26.09
C GLY A 100 -2.47 -3.34 24.59
N ILE A 101 -3.26 -2.53 23.91
CA ILE A 101 -3.19 -2.40 22.46
C ILE A 101 -2.23 -1.27 22.13
N THR A 102 -1.15 -1.59 21.42
CA THR A 102 -0.08 -0.66 21.13
C THR A 102 -0.15 -0.17 19.68
N LEU A 103 0.67 0.84 19.37
CA LEU A 103 0.75 1.29 17.99
C LEU A 103 1.20 0.17 17.07
N LEU A 104 2.11 -0.70 17.55
CA LEU A 104 2.51 -1.85 16.74
C LEU A 104 1.31 -2.68 16.31
N HIS A 105 0.41 -2.97 17.24
CA HIS A 105 -0.76 -3.78 16.94
C HIS A 105 -1.62 -3.10 15.88
N LEU A 106 -1.83 -1.79 16.00
CA LEU A 106 -2.63 -1.08 15.02
C LEU A 106 -1.97 -1.13 13.64
N ALA A 107 -0.65 -0.90 13.59
CA ALA A 107 0.03 -0.81 12.31
C ALA A 107 0.06 -2.14 11.59
N THR A 108 0.00 -3.25 12.31
CA THR A 108 0.20 -4.57 11.73
C THR A 108 -1.04 -5.45 11.78
N TYR A 109 -2.19 -4.87 12.11
CA TYR A 109 -3.49 -5.54 12.06
C TYR A 109 -3.62 -6.63 13.13
N THR A 110 -2.90 -6.49 14.24
CA THR A 110 -2.89 -7.54 15.27
C THR A 110 -3.52 -7.09 16.59
N ALA A 111 -4.38 -6.08 16.54
CA ALA A 111 -4.99 -5.56 17.77
C ALA A 111 -6.00 -6.54 18.37
N GLY A 112 -6.47 -7.50 17.60
CA GLY A 112 -7.44 -8.46 18.10
C GLY A 112 -8.78 -8.40 17.41
N GLY A 113 -8.78 -8.06 16.13
CA GLY A 113 -10.00 -8.14 15.34
C GLY A 113 -10.68 -6.82 15.00
N LEU A 114 -9.94 -5.72 14.98
CA LEU A 114 -10.51 -4.49 14.45
C LEU A 114 -11.08 -4.77 13.05
N PRO A 115 -12.24 -4.23 12.71
CA PRO A 115 -12.93 -4.66 11.48
C PRO A 115 -12.27 -4.14 10.21
N LEU A 116 -12.55 -4.85 9.12
CA LEU A 116 -11.96 -4.49 7.83
C LEU A 116 -12.26 -3.03 7.48
N GLN A 117 -13.48 -2.58 7.72
CA GLN A 117 -13.90 -1.24 7.35
C GLN A 117 -14.21 -0.41 8.59
N VAL A 118 -13.92 0.89 8.51
CA VAL A 118 -14.59 1.84 9.39
C VAL A 118 -16.01 2.06 8.88
N PRO A 119 -17.04 1.91 9.72
CA PRO A 119 -18.42 2.00 9.23
C PRO A 119 -18.68 3.29 8.47
N ASP A 120 -19.45 3.17 7.39
CA ASP A 120 -19.78 4.35 6.59
C ASP A 120 -20.58 5.37 7.36
N GLU A 121 -21.19 4.99 8.49
CA GLU A 121 -21.94 5.93 9.31
C GLU A 121 -21.03 6.92 10.03
N VAL A 122 -19.73 6.63 10.15
CA VAL A 122 -18.81 7.50 10.84
C VAL A 122 -18.51 8.71 9.95
N LYS A 123 -18.89 9.90 10.43
CA LYS A 123 -18.68 11.13 9.66
C LYS A 123 -18.06 12.25 10.47
N SER A 124 -17.67 11.99 11.72
CA SER A 124 -17.11 13.03 12.57
C SER A 124 -16.19 12.41 13.61
N SER A 125 -15.36 13.27 14.22
CA SER A 125 -14.47 12.80 15.29
C SER A 125 -15.25 12.10 16.40
N SER A 126 -16.42 12.66 16.75
N SER A 126 -16.42 12.66 16.75
CA SER A 126 -17.23 12.04 17.80
CA SER A 126 -17.23 12.04 17.80
C SER A 126 -17.72 10.66 17.38
C SER A 126 -17.71 10.66 17.38
N ASP A 127 -18.15 10.51 16.12
CA ASP A 127 -18.57 9.21 15.63
C ASP A 127 -17.41 8.23 15.66
N LEU A 128 -16.21 8.69 15.31
CA LEU A 128 -15.06 7.79 15.29
C LEU A 128 -14.74 7.27 16.69
N LEU A 129 -14.80 8.15 17.69
CA LEU A 129 -14.51 7.73 19.05
C LEU A 129 -15.51 6.68 19.53
N ARG A 130 -16.79 6.90 19.26
CA ARG A 130 -17.81 5.94 19.68
C ARG A 130 -17.57 4.59 19.02
N PHE A 131 -17.15 4.59 17.75
CA PHE A 131 -16.86 3.35 17.05
C PHE A 131 -15.77 2.56 17.76
N TYR A 132 -14.63 3.20 18.03
CA TYR A 132 -13.55 2.47 18.70
C TYR A 132 -13.89 2.17 20.16
N GLN A 133 -14.64 3.06 20.82
CA GLN A 133 -15.01 2.82 22.21
C GLN A 133 -15.88 1.58 22.35
N ASN A 134 -16.74 1.32 21.36
CA ASN A 134 -17.68 0.22 21.45
C ASN A 134 -17.16 -1.08 20.86
N TRP A 135 -16.06 -1.03 20.09
CA TRP A 135 -15.53 -2.23 19.48
C TRP A 135 -15.10 -3.24 20.55
N GLN A 136 -15.51 -4.50 20.36
CA GLN A 136 -15.15 -5.56 21.29
C GLN A 136 -14.20 -6.52 20.59
N PRO A 137 -13.00 -6.74 21.11
CA PRO A 137 -12.04 -7.60 20.39
C PRO A 137 -12.45 -9.07 20.41
N ALA A 138 -12.15 -9.75 19.31
CA ALA A 138 -12.38 -11.18 19.23
C ALA A 138 -11.22 -11.99 19.80
N TRP A 139 -10.01 -11.43 19.81
CA TRP A 139 -8.83 -12.13 20.28
C TRP A 139 -8.00 -11.20 21.14
N ALA A 140 -7.08 -11.78 21.91
CA ALA A 140 -6.12 -10.99 22.65
C ALA A 140 -5.16 -10.31 21.68
N PRO A 141 -4.66 -9.13 22.03
CA PRO A 141 -3.76 -8.42 21.12
C PRO A 141 -2.49 -9.22 20.87
N GLY A 142 -1.94 -9.07 19.67
CA GLY A 142 -0.70 -9.72 19.34
C GLY A 142 -0.78 -11.21 19.12
N THR A 143 -1.95 -11.75 18.78
CA THR A 143 -2.10 -13.17 18.53
C THR A 143 -2.65 -13.52 17.16
N GLN A 144 -3.45 -12.67 16.54
CA GLN A 144 -4.07 -12.95 15.26
C GLN A 144 -3.97 -11.72 14.38
N ARG A 145 -3.67 -11.94 13.11
CA ARG A 145 -3.66 -10.87 12.10
C ARG A 145 -4.95 -10.90 11.31
N LEU A 146 -5.67 -9.77 11.30
CA LEU A 146 -6.86 -9.58 10.47
C LEU A 146 -6.71 -8.26 9.74
N TYR A 147 -6.43 -8.32 8.44
CA TYR A 147 -6.24 -7.11 7.65
C TYR A 147 -7.44 -6.18 7.82
N ALA A 148 -7.16 -4.90 8.10
CA ALA A 148 -8.23 -3.96 8.43
C ALA A 148 -7.83 -2.52 8.18
N ASN A 149 -8.66 -1.80 7.42
CA ASN A 149 -8.45 -0.37 7.27
C ASN A 149 -8.61 0.36 8.60
N SER A 150 -9.49 -0.14 9.47
CA SER A 150 -9.70 0.56 10.74
C SER A 150 -8.50 0.44 11.67
N SER A 151 -7.59 -0.50 11.41
CA SER A 151 -6.42 -0.72 12.26
C SER A 151 -5.29 0.22 11.82
N ILE A 152 -4.76 0.01 10.61
CA ILE A 152 -3.65 0.85 10.18
C ILE A 152 -4.14 2.28 9.95
N GLY A 153 -5.42 2.45 9.64
CA GLY A 153 -5.97 3.79 9.53
C GLY A 153 -5.83 4.59 10.81
N LEU A 154 -6.13 3.97 11.95
CA LEU A 154 -5.94 4.66 13.22
C LEU A 154 -4.46 4.85 13.51
N PHE A 155 -3.62 3.88 13.15
CA PHE A 155 -2.18 4.04 13.35
C PHE A 155 -1.69 5.32 12.68
N GLY A 156 -2.03 5.51 11.41
CA GLY A 156 -1.59 6.70 10.70
C GLY A 156 -2.07 7.98 11.35
N ALA A 157 -3.35 8.01 11.74
CA ALA A 157 -3.90 9.21 12.36
C ALA A 157 -3.19 9.54 13.66
N LEU A 158 -2.86 8.54 14.47
CA LEU A 158 -2.20 8.80 15.74
C LEU A 158 -0.71 9.08 15.58
N ALA A 159 -0.08 8.46 14.59
CA ALA A 159 1.36 8.58 14.43
C ALA A 159 1.78 10.01 14.14
N VAL A 160 0.90 10.80 13.52
CA VAL A 160 1.24 12.17 13.18
C VAL A 160 0.87 13.17 14.27
N LYS A 161 0.20 12.73 15.34
CA LYS A 161 -0.22 13.68 16.36
C LYS A 161 0.95 14.44 16.97
N PRO A 162 2.07 13.80 17.33
CA PRO A 162 3.18 14.57 17.92
C PRO A 162 3.74 15.65 17.01
N SER A 163 3.62 15.48 15.69
CA SER A 163 4.12 16.51 14.77
C SER A 163 3.28 17.77 14.80
N GLY A 164 2.06 17.71 15.31
CA GLY A 164 1.14 18.82 15.20
C GLY A 164 0.59 19.05 13.80
N LEU A 165 0.94 18.20 12.84
CA LEU A 165 0.45 18.34 11.48
C LEU A 165 -0.71 17.39 11.21
N SER A 166 -1.58 17.79 10.29
CA SER A 166 -2.57 16.86 9.77
C SER A 166 -1.86 15.70 9.08
N PHE A 167 -2.57 14.58 8.96
CA PHE A 167 -2.00 13.45 8.23
C PHE A 167 -1.58 13.85 6.82
N GLU A 168 -2.45 14.60 6.13
CA GLU A 168 -2.13 15.00 4.76
C GLU A 168 -0.92 15.93 4.72
N GLN A 169 -0.85 16.89 5.65
CA GLN A 169 0.29 17.81 5.67
C GLN A 169 1.57 17.07 6.04
N ALA A 170 1.49 16.13 6.98
CA ALA A 170 2.65 15.34 7.34
C ALA A 170 3.14 14.52 6.14
N MET A 171 2.21 13.88 5.44
CA MET A 171 2.60 13.05 4.30
C MET A 171 3.23 13.89 3.20
N GLN A 172 2.64 15.06 2.91
CA GLN A 172 3.17 15.91 1.84
C GLN A 172 4.57 16.40 2.18
N THR A 173 4.77 16.90 3.41
CA THR A 173 6.06 17.53 3.72
C THR A 173 7.14 16.52 4.08
N ARG A 174 6.78 15.33 4.58
CA ARG A 174 7.78 14.40 5.07
C ARG A 174 8.05 13.24 4.13
N VAL A 175 7.15 12.95 3.18
CA VAL A 175 7.34 11.84 2.26
C VAL A 175 7.30 12.30 0.81
N PHE A 176 6.16 12.88 0.40
CA PHE A 176 5.99 13.21 -1.02
C PHE A 176 7.05 14.22 -1.49
N GLN A 177 7.19 15.32 -0.75
CA GLN A 177 8.07 16.40 -1.22
C GLN A 177 9.53 15.99 -1.20
N PRO A 178 10.05 15.38 -0.12
CA PRO A 178 11.48 14.96 -0.14
C PRO A 178 11.80 13.98 -1.25
N LEU A 179 10.86 13.12 -1.63
CA LEU A 179 11.09 12.14 -2.68
C LEU A 179 10.68 12.65 -4.05
N LYS A 180 10.29 13.92 -4.15
CA LYS A 180 9.94 14.55 -5.42
C LYS A 180 8.79 13.79 -6.11
N LEU A 181 7.82 13.35 -5.31
CA LEU A 181 6.57 12.79 -5.84
C LEU A 181 5.58 13.93 -6.00
N ASN A 182 5.78 14.71 -7.07
CA ASN A 182 5.06 15.97 -7.25
C ASN A 182 3.72 15.79 -7.94
N HIS A 183 3.35 14.57 -8.28
CA HIS A 183 2.05 14.25 -8.85
C HIS A 183 1.43 13.09 -8.11
N THR A 184 1.58 13.11 -6.78
CA THR A 184 0.97 12.14 -5.88
C THR A 184 0.15 12.92 -4.88
N TRP A 185 -1.12 12.54 -4.72
CA TRP A 185 -2.07 13.36 -4.00
C TRP A 185 -2.99 12.54 -3.13
N ILE A 186 -3.24 13.03 -1.91
CA ILE A 186 -4.38 12.52 -1.14
C ILE A 186 -5.66 13.15 -1.65
N ASN A 187 -5.62 14.46 -1.94
CA ASN A 187 -6.72 15.20 -2.55
C ASN A 187 -6.20 15.80 -3.85
N VAL A 188 -6.79 15.40 -4.96
CA VAL A 188 -6.37 15.86 -6.28
C VAL A 188 -6.72 17.34 -6.43
N PRO A 189 -5.74 18.22 -6.65
CA PRO A 189 -6.08 19.64 -6.81
C PRO A 189 -6.84 19.87 -8.10
N PRO A 190 -7.71 20.90 -8.15
CA PRO A 190 -8.48 21.14 -9.38
C PRO A 190 -7.63 21.23 -10.64
N ALA A 191 -6.45 21.84 -10.55
CA ALA A 191 -5.62 22.01 -11.75
C ALA A 191 -5.08 20.69 -12.27
N GLU A 192 -5.09 19.63 -11.46
CA GLU A 192 -4.59 18.34 -11.88
C GLU A 192 -5.70 17.36 -12.26
N GLU A 193 -6.96 17.73 -12.03
CA GLU A 193 -8.08 16.83 -12.29
C GLU A 193 -8.15 16.39 -13.74
N LYS A 194 -7.53 17.13 -14.67
CA LYS A 194 -7.57 16.71 -16.07
C LYS A 194 -6.78 15.43 -16.33
N ASN A 195 -5.89 15.04 -15.41
CA ASN A 195 -5.10 13.83 -15.56
C ASN A 195 -5.67 12.64 -14.79
N TYR A 196 -6.78 12.84 -14.08
CA TYR A 196 -7.34 11.84 -13.18
C TYR A 196 -8.16 10.86 -13.99
N ALA A 197 -7.64 9.64 -14.14
CA ALA A 197 -8.37 8.64 -14.91
C ALA A 197 -9.68 8.30 -14.21
N TRP A 198 -10.65 7.85 -15.02
CA TRP A 198 -11.85 7.23 -14.49
C TRP A 198 -11.60 5.76 -14.24
N GLY A 199 -12.13 5.27 -13.10
CA GLY A 199 -12.23 3.84 -12.90
C GLY A 199 -13.51 3.29 -13.48
N TYR A 200 -13.52 2.01 -13.81
CA TYR A 200 -14.67 1.42 -14.49
C TYR A 200 -15.11 0.16 -13.74
N ARG A 201 -16.37 0.15 -13.31
CA ARG A 201 -16.98 -0.96 -12.59
C ARG A 201 -18.27 -1.31 -13.29
N GLU A 202 -18.36 -2.54 -13.81
CA GLU A 202 -19.53 -2.99 -14.56
C GLU A 202 -19.92 -1.98 -15.64
N GLY A 203 -18.92 -1.40 -16.29
CA GLY A 203 -19.13 -0.50 -17.39
C GLY A 203 -19.32 0.96 -17.01
N LYS A 204 -19.52 1.27 -15.74
CA LYS A 204 -19.80 2.64 -15.29
C LYS A 204 -18.53 3.30 -14.78
N ALA A 205 -18.38 4.59 -15.09
CA ALA A 205 -17.22 5.37 -14.64
C ALA A 205 -17.40 5.81 -13.20
N VAL A 206 -16.41 5.49 -12.35
CA VAL A 206 -16.51 5.73 -10.91
C VAL A 206 -15.19 6.23 -10.34
N HIS A 207 -15.30 7.02 -9.26
CA HIS A 207 -14.17 7.45 -8.45
C HIS A 207 -14.42 7.00 -7.02
N VAL A 208 -13.35 6.90 -6.23
CA VAL A 208 -13.47 6.47 -4.85
C VAL A 208 -14.24 7.52 -4.05
N SER A 209 -15.12 7.05 -3.15
CA SER A 209 -15.92 7.98 -2.35
C SER A 209 -15.20 8.31 -1.04
N PRO A 210 -15.44 9.49 -0.45
CA PRO A 210 -14.79 9.80 0.82
C PRO A 210 -15.24 8.85 1.93
N GLY A 211 -14.33 8.63 2.88
CA GLY A 211 -14.64 7.82 4.04
C GLY A 211 -13.65 8.11 5.16
N ALA A 212 -14.08 7.79 6.38
CA ALA A 212 -13.23 8.03 7.54
C ALA A 212 -11.90 7.29 7.39
N LEU A 213 -10.81 8.01 7.67
CA LEU A 213 -9.45 7.48 7.59
C LEU A 213 -9.11 6.96 6.20
N ASP A 214 -9.74 7.51 5.16
CA ASP A 214 -9.46 7.02 3.81
C ASP A 214 -8.04 7.37 3.38
N ALA A 215 -7.56 8.56 3.73
CA ALA A 215 -6.21 8.95 3.30
C ALA A 215 -5.17 7.94 3.79
N GLU A 216 -5.36 7.43 5.02
CA GLU A 216 -4.41 6.53 5.63
C GLU A 216 -4.47 5.13 5.03
N ALA A 217 -5.66 4.69 4.60
CA ALA A 217 -5.88 3.30 4.25
C ALA A 217 -6.02 3.02 2.77
N TYR A 218 -6.60 3.94 1.99
CA TYR A 218 -6.80 3.62 0.58
C TYR A 218 -6.98 4.82 -0.36
N GLY A 219 -6.63 6.02 0.07
CA GLY A 219 -7.04 7.22 -0.63
C GLY A 219 -6.03 7.96 -1.48
N VAL A 220 -4.83 7.43 -1.69
CA VAL A 220 -3.82 8.13 -2.47
C VAL A 220 -4.01 7.88 -3.96
N LYS A 221 -3.73 8.90 -4.78
CA LYS A 221 -3.70 8.79 -6.23
C LYS A 221 -2.32 9.20 -6.74
N SER A 222 -1.85 8.57 -7.82
CA SER A 222 -0.49 8.82 -8.27
C SER A 222 -0.35 8.40 -9.74
N THR A 223 0.76 8.84 -10.34
CA THR A 223 1.10 8.50 -11.71
C THR A 223 2.07 7.33 -11.73
N ILE A 224 2.24 6.75 -12.92
CA ILE A 224 3.18 5.64 -13.05
C ILE A 224 4.61 6.11 -12.83
N GLU A 225 4.93 7.36 -13.20
CA GLU A 225 6.27 7.88 -12.96
C GLU A 225 6.54 8.04 -11.47
N ASP A 226 5.59 8.63 -10.74
CA ASP A 226 5.82 8.82 -9.30
C ASP A 226 5.90 7.48 -8.58
N MET A 227 5.10 6.50 -9.01
CA MET A 227 5.12 5.21 -8.34
C MET A 227 6.40 4.45 -8.64
N ALA A 228 6.96 4.62 -9.85
CA ALA A 228 8.28 4.03 -10.10
C ALA A 228 9.33 4.64 -9.18
N ARG A 229 9.24 5.96 -8.94
CA ARG A 229 10.17 6.62 -8.04
C ARG A 229 9.98 6.15 -6.60
N TRP A 230 8.73 5.90 -6.20
CA TRP A 230 8.45 5.29 -4.91
C TRP A 230 9.12 3.93 -4.79
N VAL A 231 9.01 3.10 -5.83
CA VAL A 231 9.67 1.80 -5.79
C VAL A 231 11.19 1.96 -5.72
N GLN A 232 11.75 2.87 -6.51
CA GLN A 232 13.20 3.11 -6.45
C GLN A 232 13.61 3.51 -5.04
N SER A 233 12.79 4.32 -4.38
CA SER A 233 13.12 4.79 -3.04
C SER A 233 13.11 3.66 -2.04
N ASN A 234 12.18 2.72 -2.20
CA ASN A 234 12.11 1.55 -1.32
C ASN A 234 13.13 0.49 -1.69
N LEU A 235 13.58 0.46 -2.95
CA LEU A 235 14.66 -0.44 -3.33
C LEU A 235 16.02 0.01 -2.77
N LYS A 236 16.25 1.32 -2.73
CA LYS A 236 17.55 1.90 -2.41
C LYS A 236 17.37 3.02 -1.40
N PRO A 237 17.01 2.69 -0.15
CA PRO A 237 16.77 3.75 0.84
C PRO A 237 18.01 4.58 1.15
N LEU A 238 19.22 4.04 0.97
CA LEU A 238 20.42 4.83 1.25
C LEU A 238 20.59 5.97 0.26
N ASP A 239 19.89 5.94 -0.87
CA ASP A 239 19.94 7.06 -1.79
C ASP A 239 19.17 8.28 -1.28
N ILE A 240 18.35 8.13 -0.25
CA ILE A 240 17.53 9.22 0.26
C ILE A 240 18.34 10.00 1.27
N ASN A 241 18.49 11.31 1.03
CA ASN A 241 19.37 12.13 1.85
C ASN A 241 18.77 12.50 3.20
N GLU A 242 17.45 12.48 3.35
CA GLU A 242 16.81 12.75 4.63
C GLU A 242 16.91 11.49 5.50
N LYS A 243 17.66 11.58 6.60
CA LYS A 243 17.97 10.38 7.36
C LYS A 243 16.74 9.75 7.97
N THR A 244 15.78 10.57 8.47
CA THR A 244 14.61 9.97 9.09
C THR A 244 13.77 9.20 8.10
N LEU A 245 13.76 9.63 6.84
CA LEU A 245 12.95 8.98 5.80
C LEU A 245 13.65 7.74 5.27
N GLN A 246 14.97 7.83 5.05
CA GLN A 246 15.77 6.64 4.82
C GLN A 246 15.49 5.56 5.85
N GLN A 247 15.52 5.94 7.14
CA GLN A 247 15.29 4.95 8.19
C GLN A 247 13.83 4.53 8.26
N GLY A 248 12.89 5.43 7.96
CA GLY A 248 11.50 5.05 7.95
C GLY A 248 11.17 4.01 6.90
N ILE A 249 11.79 4.14 5.72
CA ILE A 249 11.65 3.13 4.67
C ILE A 249 12.18 1.80 5.15
N GLN A 250 13.35 1.80 5.81
CA GLN A 250 13.91 0.56 6.31
C GLN A 250 13.02 -0.06 7.38
N LEU A 251 12.48 0.75 8.29
CA LEU A 251 11.63 0.23 9.34
C LEU A 251 10.31 -0.35 8.80
N ALA A 252 9.80 0.21 7.71
CA ALA A 252 8.57 -0.33 7.12
C ALA A 252 8.79 -1.70 6.48
N GLN A 253 10.03 -2.05 6.12
CA GLN A 253 10.36 -3.36 5.59
C GLN A 253 10.94 -4.31 6.65
N SER A 254 11.03 -3.88 7.91
CA SER A 254 11.36 -4.80 8.98
C SER A 254 10.24 -5.83 9.14
N ARG A 255 10.59 -7.00 9.66
CA ARG A 255 9.64 -8.11 9.79
C ARG A 255 9.20 -8.22 11.24
N TYR A 256 7.92 -7.90 11.48
CA TYR A 256 7.36 -7.81 12.83
C TYR A 256 6.59 -9.05 13.24
N TRP A 257 5.98 -9.75 12.28
CA TRP A 257 5.16 -10.92 12.51
C TRP A 257 5.38 -11.88 11.35
N GLN A 258 5.21 -13.17 11.61
CA GLN A 258 5.23 -14.17 10.56
C GLN A 258 3.99 -15.03 10.61
N THR A 259 3.43 -15.33 9.44
N THR A 259 3.42 -15.29 9.43
CA THR A 259 2.38 -16.33 9.32
CA THR A 259 2.36 -16.27 9.23
C THR A 259 2.61 -17.06 8.01
C THR A 259 2.69 -17.04 7.97
N GLY A 260 2.88 -18.36 8.09
CA GLY A 260 3.23 -19.11 6.89
C GLY A 260 4.55 -18.56 6.40
N ASP A 261 4.65 -18.33 5.09
CA ASP A 261 5.86 -17.76 4.51
C ASP A 261 5.77 -16.24 4.35
N MET A 262 4.81 -15.59 4.99
CA MET A 262 4.62 -14.16 4.86
C MET A 262 5.06 -13.45 6.14
N TYR A 263 5.69 -12.29 5.97
CA TYR A 263 6.09 -11.42 7.06
C TYR A 263 5.35 -10.11 6.94
N GLN A 264 4.88 -9.57 8.06
CA GLN A 264 4.17 -8.29 8.08
C GLN A 264 5.16 -7.17 8.41
N GLY A 265 5.23 -6.18 7.52
CA GLY A 265 5.92 -4.93 7.79
C GLY A 265 4.96 -3.85 8.21
N LEU A 266 5.38 -2.60 7.98
CA LEU A 266 4.51 -1.44 8.16
C LEU A 266 4.00 -1.10 6.76
N GLY A 267 2.76 -1.51 6.45
CA GLY A 267 2.21 -1.34 5.12
C GLY A 267 2.66 -2.43 4.16
N TRP A 268 3.97 -2.47 3.90
CA TRP A 268 4.54 -3.53 3.07
C TRP A 268 4.36 -4.89 3.73
N GLU A 269 4.23 -5.92 2.88
CA GLU A 269 4.32 -7.33 3.26
C GLU A 269 5.52 -7.92 2.53
N MET A 270 6.17 -8.91 3.14
CA MET A 270 7.42 -9.44 2.60
C MET A 270 7.46 -10.96 2.70
N LEU A 271 8.20 -11.57 1.76
CA LEU A 271 8.54 -12.99 1.75
C LEU A 271 10.01 -13.13 1.40
N ASP A 272 10.64 -14.22 1.86
CA ASP A 272 12.02 -14.48 1.46
C ASP A 272 12.11 -14.73 -0.04
N TRP A 273 13.18 -14.20 -0.65
CA TRP A 273 13.49 -14.45 -2.06
C TRP A 273 14.65 -15.44 -2.16
N PRO A 274 14.56 -16.48 -3.02
CA PRO A 274 13.50 -16.79 -3.98
C PRO A 274 12.18 -17.20 -3.35
N VAL A 275 11.09 -16.77 -3.98
CA VAL A 275 9.74 -16.99 -3.47
C VAL A 275 9.10 -18.16 -4.20
N ASN A 276 8.17 -18.83 -3.53
CA ASN A 276 7.29 -19.81 -4.18
C ASN A 276 6.19 -19.01 -4.88
N PRO A 277 6.20 -18.90 -6.21
CA PRO A 277 5.23 -18.00 -6.85
C PRO A 277 3.78 -18.34 -6.56
N ASP A 278 3.43 -19.63 -6.45
CA ASP A 278 2.04 -19.98 -6.18
C ASP A 278 1.59 -19.45 -4.82
N SER A 279 2.50 -19.32 -3.87
CA SER A 279 2.13 -18.80 -2.57
C SER A 279 1.73 -17.34 -2.65
N ILE A 280 2.51 -16.52 -3.36
CA ILE A 280 2.15 -15.10 -3.42
C ILE A 280 0.92 -14.91 -4.30
N ILE A 281 0.78 -15.71 -5.36
CA ILE A 281 -0.40 -15.62 -6.23
C ILE A 281 -1.63 -16.03 -5.45
N ASN A 282 -1.62 -17.25 -4.91
CA ASN A 282 -2.81 -17.73 -4.21
C ASN A 282 -3.11 -16.91 -2.98
N GLY A 283 -2.07 -16.50 -2.26
CA GLY A 283 -2.27 -15.74 -1.04
C GLY A 283 -2.82 -14.35 -1.26
N SER A 284 -2.81 -13.85 -2.49
CA SER A 284 -3.32 -12.51 -2.78
C SER A 284 -4.83 -12.51 -2.97
N ASP A 285 -5.44 -13.67 -3.16
CA ASP A 285 -6.88 -13.77 -3.24
C ASP A 285 -7.51 -13.26 -1.95
N ASN A 286 -8.54 -12.43 -2.09
CA ASN A 286 -9.15 -11.81 -0.91
C ASN A 286 -9.71 -12.84 0.06
N LYS A 287 -10.12 -14.01 -0.43
CA LYS A 287 -10.55 -15.06 0.48
C LYS A 287 -9.47 -15.38 1.51
N ILE A 288 -8.21 -15.29 1.12
CA ILE A 288 -7.09 -15.55 2.04
C ILE A 288 -6.58 -14.26 2.66
N ALA A 289 -6.33 -13.24 1.84
CA ALA A 289 -5.71 -12.02 2.31
C ALA A 289 -6.51 -11.33 3.39
N LEU A 290 -7.82 -11.57 3.45
CA LEU A 290 -8.67 -10.92 4.43
C LEU A 290 -9.07 -11.85 5.57
N ALA A 291 -8.59 -13.08 5.59
CA ALA A 291 -8.93 -14.02 6.64
C ALA A 291 -8.04 -13.84 7.86
N ALA A 292 -8.59 -14.14 9.04
CA ALA A 292 -7.81 -14.10 10.27
C ALA A 292 -6.83 -15.28 10.31
N ARG A 293 -5.57 -15.00 10.66
CA ARG A 293 -4.56 -16.03 10.78
C ARG A 293 -3.69 -15.76 11.99
N PRO A 294 -3.32 -16.81 12.74
CA PRO A 294 -2.39 -16.60 13.86
C PRO A 294 -1.03 -16.13 13.37
N VAL A 295 -0.40 -15.28 14.18
CA VAL A 295 0.92 -14.74 13.91
C VAL A 295 1.87 -15.14 15.03
N LYS A 296 3.14 -15.29 14.66
CA LYS A 296 4.25 -15.41 15.60
C LYS A 296 5.03 -14.11 15.62
N ALA A 297 5.28 -13.59 16.81
CA ALA A 297 6.07 -12.38 16.93
C ALA A 297 7.52 -12.64 16.54
N ILE A 298 8.15 -11.64 15.95
CA ILE A 298 9.56 -11.64 15.67
C ILE A 298 10.17 -10.56 16.56
N THR A 299 10.90 -10.98 17.59
CA THR A 299 11.41 -10.06 18.61
C THR A 299 12.91 -10.27 18.79
N PRO A 300 13.75 -9.28 18.46
CA PRO A 300 13.37 -8.00 17.84
C PRO A 300 12.96 -8.18 16.38
N PRO A 301 12.25 -7.20 15.81
CA PRO A 301 11.89 -7.31 14.39
C PRO A 301 13.13 -7.48 13.53
N THR A 302 13.04 -8.34 12.52
CA THR A 302 14.15 -8.53 11.62
C THR A 302 14.40 -7.26 10.81
N PRO A 303 15.60 -6.67 10.84
CA PRO A 303 15.86 -5.53 9.96
C PRO A 303 15.68 -5.92 8.50
N ALA A 304 15.23 -4.97 7.69
CA ALA A 304 14.91 -5.17 6.28
C ALA A 304 15.90 -6.11 5.61
N VAL A 305 15.37 -7.19 5.05
CA VAL A 305 16.16 -8.23 4.41
C VAL A 305 16.22 -7.96 2.92
N ARG A 306 17.44 -7.82 2.38
CA ARG A 306 17.57 -7.46 0.98
C ARG A 306 17.03 -8.55 0.06
N ALA A 307 17.23 -9.83 0.44
CA ALA A 307 16.72 -10.95 -0.34
C ALA A 307 15.26 -11.21 0.04
N SER A 308 14.40 -10.27 -0.38
CA SER A 308 12.97 -10.33 -0.11
C SER A 308 12.19 -9.99 -1.37
N TRP A 309 11.01 -10.62 -1.50
CA TRP A 309 9.92 -10.14 -2.35
C TRP A 309 9.07 -9.24 -1.46
N VAL A 310 9.02 -7.94 -1.77
CA VAL A 310 8.30 -6.94 -0.99
C VAL A 310 7.14 -6.45 -1.86
N HIS A 311 5.92 -6.44 -1.33
CA HIS A 311 4.81 -6.14 -2.22
C HIS A 311 3.57 -5.66 -1.48
N LYS A 312 2.63 -5.11 -2.26
CA LYS A 312 1.32 -4.72 -1.75
C LYS A 312 0.32 -4.65 -2.89
N THR A 313 -0.87 -5.22 -2.67
CA THR A 313 -2.00 -5.08 -3.59
C THR A 313 -2.89 -3.91 -3.13
N GLY A 314 -3.67 -3.37 -4.06
CA GLY A 314 -4.63 -2.33 -3.71
C GLY A 314 -5.74 -2.25 -4.71
N ALA A 315 -6.90 -1.82 -4.22
CA ALA A 315 -8.06 -1.70 -5.07
C ALA A 315 -9.04 -0.64 -4.57
N THR A 316 -9.75 -0.05 -5.51
CA THR A 316 -10.96 0.73 -5.24
C THR A 316 -12.08 0.14 -6.08
N GLY A 317 -13.25 0.78 -6.05
CA GLY A 317 -14.36 0.29 -6.86
C GLY A 317 -14.00 0.14 -8.32
N GLY A 318 -13.20 1.06 -8.85
CA GLY A 318 -12.90 1.05 -10.25
C GLY A 318 -11.44 0.91 -10.65
N PHE A 319 -10.56 0.60 -9.70
CA PHE A 319 -9.13 0.53 -9.97
C PHE A 319 -8.52 -0.70 -9.32
N GLY A 320 -7.44 -1.19 -9.92
CA GLY A 320 -6.67 -2.28 -9.33
C GLY A 320 -5.19 -2.03 -9.49
N SER A 321 -4.44 -2.10 -8.39
N SER A 321 -4.44 -2.11 -8.38
CA SER A 321 -3.02 -1.77 -8.39
CA SER A 321 -3.04 -1.76 -8.34
C SER A 321 -2.21 -2.87 -7.73
C SER A 321 -2.21 -2.89 -7.74
N TYR A 322 -0.93 -2.91 -8.08
CA TYR A 322 0.01 -3.85 -7.50
C TYR A 322 1.42 -3.27 -7.61
N VAL A 323 2.18 -3.41 -6.54
CA VAL A 323 3.60 -3.03 -6.50
C VAL A 323 4.38 -4.19 -5.90
N ALA A 324 5.51 -4.53 -6.51
CA ALA A 324 6.40 -5.57 -5.99
C ALA A 324 7.84 -5.23 -6.34
N PHE A 325 8.75 -5.57 -5.43
CA PHE A 325 10.17 -5.34 -5.73
C PHE A 325 11.06 -6.26 -4.90
N ILE A 326 12.30 -6.41 -5.38
CA ILE A 326 13.29 -7.32 -4.81
C ILE A 326 14.57 -6.53 -4.57
N PRO A 327 14.84 -6.04 -3.35
CA PRO A 327 16.00 -5.14 -3.19
C PRO A 327 17.31 -5.73 -3.66
N GLU A 328 17.60 -7.00 -3.34
CA GLU A 328 18.87 -7.59 -3.72
C GLU A 328 19.10 -7.53 -5.23
N LYS A 329 18.04 -7.55 -6.03
CA LYS A 329 18.17 -7.60 -7.48
C LYS A 329 17.95 -6.25 -8.17
N GLU A 330 17.60 -5.21 -7.40
CA GLU A 330 17.23 -3.89 -7.93
C GLU A 330 16.19 -4.03 -9.04
N LEU A 331 15.22 -4.90 -8.79
CA LEU A 331 14.17 -5.29 -9.72
C LEU A 331 12.82 -4.95 -9.09
N GLY A 332 11.92 -4.39 -9.87
CA GLY A 332 10.59 -4.08 -9.36
C GLY A 332 9.59 -3.84 -10.46
N ILE A 333 8.32 -3.76 -10.07
CA ILE A 333 7.25 -3.49 -11.03
C ILE A 333 6.10 -2.78 -10.34
N VAL A 334 5.47 -1.86 -11.09
CA VAL A 334 4.25 -1.18 -10.71
C VAL A 334 3.23 -1.45 -11.81
N MET A 335 2.02 -1.87 -11.42
CA MET A 335 0.92 -2.15 -12.34
C MET A 335 -0.29 -1.35 -11.86
N LEU A 336 -0.71 -0.37 -12.65
CA LEU A 336 -1.87 0.47 -12.35
C LEU A 336 -2.92 0.29 -13.43
N ALA A 337 -4.15 -0.05 -13.03
CA ALA A 337 -5.24 -0.27 -13.97
C ALA A 337 -6.50 0.42 -13.46
N ASN A 338 -7.32 0.91 -14.39
CA ASN A 338 -8.62 1.50 -14.04
C ASN A 338 -9.75 0.50 -14.19
N LYS A 339 -9.51 -0.72 -13.75
CA LYS A 339 -10.54 -1.71 -13.46
C LYS A 339 -10.03 -2.53 -12.29
N ASN A 340 -10.92 -2.87 -11.36
CA ASN A 340 -10.60 -3.74 -10.23
C ASN A 340 -10.75 -5.18 -10.70
N TYR A 341 -9.63 -5.81 -11.05
CA TYR A 341 -9.60 -7.20 -11.53
C TYR A 341 -8.86 -8.04 -10.49
N PRO A 342 -9.06 -9.36 -10.51
CA PRO A 342 -8.63 -10.18 -9.36
C PRO A 342 -7.14 -10.07 -9.06
N ASN A 343 -6.84 -9.98 -7.77
CA ASN A 343 -5.44 -9.89 -7.34
C ASN A 343 -4.56 -11.00 -7.90
N PRO A 344 -4.96 -12.28 -7.88
CA PRO A 344 -4.03 -13.32 -8.37
C PRO A 344 -3.57 -13.09 -9.79
N ALA A 345 -4.44 -12.55 -10.65
CA ALA A 345 -4.02 -12.25 -12.01
C ALA A 345 -2.92 -11.20 -12.04
N ARG A 346 -2.99 -10.23 -11.12
CA ARG A 346 -1.96 -9.19 -11.02
C ARG A 346 -0.63 -9.80 -10.61
N VAL A 347 -0.65 -10.60 -9.54
CA VAL A 347 0.59 -11.14 -8.98
C VAL A 347 1.23 -12.11 -9.96
N ASP A 348 0.42 -12.95 -10.61
N ASP A 348 0.42 -12.93 -10.62
CA ASP A 348 0.95 -13.88 -11.59
CA ASP A 348 0.95 -13.88 -11.59
C ASP A 348 1.71 -13.14 -12.69
C ASP A 348 1.70 -13.16 -12.70
N ALA A 349 1.11 -12.08 -13.23
CA ALA A 349 1.77 -11.33 -14.30
C ALA A 349 3.06 -10.70 -13.81
N ALA A 350 3.03 -10.10 -12.62
CA ALA A 350 4.24 -9.50 -12.05
C ALA A 350 5.34 -10.52 -11.88
N TRP A 351 5.02 -11.72 -11.38
CA TRP A 351 6.06 -12.71 -11.19
C TRP A 351 6.60 -13.21 -12.54
N GLN A 352 5.72 -13.39 -13.53
CA GLN A 352 6.20 -13.80 -14.85
C GLN A 352 7.24 -12.82 -15.38
N ILE A 353 7.00 -11.52 -15.19
CA ILE A 353 7.91 -10.49 -15.69
C ILE A 353 9.20 -10.48 -14.89
N LEU A 354 9.11 -10.38 -13.56
CA LEU A 354 10.34 -10.24 -12.78
C LEU A 354 11.16 -11.51 -12.84
N ASN A 355 10.50 -12.68 -12.84
CA ASN A 355 11.23 -13.94 -12.95
C ASN A 355 12.01 -14.02 -14.26
N ALA A 356 11.43 -13.49 -15.34
CA ALA A 356 12.10 -13.49 -16.63
C ALA A 356 13.31 -12.57 -16.66
N LEU A 357 13.36 -11.58 -15.78
CA LEU A 357 14.41 -10.58 -15.80
C LEU A 357 15.46 -10.76 -14.71
N GLN A 358 15.31 -11.75 -13.85
CA GLN A 358 16.28 -11.97 -12.77
C GLN A 358 17.59 -12.52 -13.36
S SO4 B . -13.16 11.42 10.66
O1 SO4 B . -14.17 10.72 11.44
O2 SO4 B . -12.25 10.42 10.08
O3 SO4 B . -12.41 12.32 11.52
O4 SO4 B . -13.79 12.18 9.59
O2 PEG C . 22.34 4.83 9.64
C3 PEG C . 21.07 4.26 9.84
C4 PEG C . 21.19 2.73 9.80
O4 PEG C . 20.08 2.14 10.41
C2 PEG D . -8.53 11.84 13.16
O2 PEG D . -8.57 10.95 14.24
C3 PEG D . -7.73 11.32 15.29
C4 PEG D . -8.23 10.72 16.61
O4 PEG D . -7.74 11.49 17.67
C02 M9W E . -7.32 -1.51 -0.15
C09 M9W E . -8.73 -1.38 0.43
C10 M9W E . -9.66 -0.93 -0.40
C12 M9W E . -12.09 -0.96 -1.00
C13 M9W E . -12.81 -2.28 -0.71
C16 M9W E . -13.02 0.27 -1.03
C17 M9W E . -12.17 1.54 -0.91
C18 M9W E . -14.04 0.12 0.09
C22 M9W E . -15.29 4.89 0.69
C23 M9W E . -15.32 2.88 2.14
C24 M9W E . -14.96 1.49 1.95
N11 M9W E . -11.05 -0.77 0.01
N19 M9W E . -14.51 1.39 0.69
N20 M9W E . -14.60 2.58 0.12
N21 M9W E . -15.07 3.48 0.97
O01 M9W E . -7.18 -1.81 -1.29
O14 M9W E . -12.97 -3.12 -1.62
O15 M9W E . -13.22 -2.54 0.45
O26 M9W E . -14.93 1.33 -2.61
O27 M9W E . -14.66 -0.92 -2.83
S25 M9W E . -13.88 0.31 -2.61
ZN ZN F . 1.35 -10.66 -28.91
ZN ZN G . 2.60 19.06 -13.10
ZN ZN H . 5.57 13.35 -11.04
CL CL I . 2.94 -12.27 -28.75
#